data_2WUH
#
_entry.id   2WUH
#
_cell.length_a   33.397
_cell.length_b   40.863
_cell.length_c   48.917
_cell.angle_alpha   66.19
_cell.angle_beta   88.90
_cell.angle_gamma   76.92
#
_symmetry.space_group_name_H-M   'P 1'
#
loop_
_entity.id
_entity.type
_entity.pdbx_description
1 polymer 'DISCOIDIN DOMAIN RECEPTOR 2'
2 polymer 'COLLAGEN PEPTIDE'
3 water water
#
loop_
_entity_poly.entity_id
_entity_poly.type
_entity_poly.pdbx_seq_one_letter_code
_entity_poly.pdbx_strand_id
1 'polypeptide(L)'
;APLVHHHHHHALANPAICRYPLGMSGGQIPDEDITASSQWSESTAAKYGRLDSEEGDGAWCPEIPVEPDDLKEFLQIDLH
TLHFITLVGTQGRHAGGHGIEFAPMYKINYSRDGTRWISWRNRHGKQVLDGNSNPYDIFLKDLEPPIVARFVRFIPVTDH
SMNVCMRVELYGCVWLDG
;
A
2 'polypeptide(L)' (ACE)GP(HYP)GP(HYP)GP(HYP)GPRGQ(HYP)GV(NLE)GF(HYP)GP(HYP)GP(HYP)G B,C,D
#
loop_
_chem_comp.id
_chem_comp.type
_chem_comp.name
_chem_comp.formula
ACE non-polymer 'ACETYL GROUP' 'C2 H4 O'
#
# COMPACT_ATOMS: atom_id res chain seq x y z
N ASN A 14 14.07 -27.33 7.43
CA ASN A 14 14.69 -26.02 7.04
C ASN A 14 13.71 -24.86 7.23
N PRO A 15 12.47 -25.01 6.72
CA PRO A 15 11.46 -23.95 6.84
C PRO A 15 11.16 -23.60 8.30
N ALA A 16 11.68 -24.40 9.22
CA ALA A 16 11.47 -24.17 10.65
C ALA A 16 12.29 -22.99 11.15
N ILE A 17 13.48 -22.82 10.58
CA ILE A 17 14.36 -21.72 10.97
C ILE A 17 14.28 -20.58 9.95
N CYS A 18 14.09 -20.95 8.69
CA CYS A 18 14.01 -20.00 7.59
C CYS A 18 12.55 -19.58 7.40
N ARG A 19 12.06 -18.76 8.35
CA ARG A 19 10.66 -18.34 8.34
C ARG A 19 10.54 -16.90 8.86
N TYR A 20 11.64 -16.18 8.90
CA TYR A 20 11.66 -14.81 9.42
C TYR A 20 11.12 -13.73 8.50
N PRO A 21 10.46 -12.73 9.06
CA PRO A 21 9.94 -11.66 8.20
C PRO A 21 11.16 -10.95 7.63
N LEU A 22 11.14 -10.63 6.34
CA LEU A 22 12.31 -10.02 5.72
C LEU A 22 12.46 -8.51 5.71
N GLY A 23 11.47 -7.79 6.23
CA GLY A 23 11.63 -6.35 6.28
C GLY A 23 10.51 -5.42 5.88
N MET A 24 9.39 -5.93 5.39
CA MET A 24 8.33 -5.00 5.00
C MET A 24 7.73 -4.28 6.20
N SER A 25 7.30 -5.01 7.21
CA SER A 25 6.72 -4.39 8.41
C SER A 25 7.74 -3.65 9.28
N GLY A 26 8.93 -4.22 9.40
CA GLY A 26 9.96 -3.63 10.23
C GLY A 26 10.79 -2.48 9.65
N GLY A 27 10.74 -2.31 8.32
CA GLY A 27 11.50 -1.24 7.72
C GLY A 27 12.88 -1.64 7.23
N GLN A 28 13.28 -2.89 7.49
CA GLN A 28 14.60 -3.36 7.05
C GLN A 28 14.70 -3.22 5.54
N ILE A 29 13.57 -3.38 4.86
CA ILE A 29 13.51 -3.20 3.42
C ILE A 29 13.10 -1.73 3.28
N PRO A 30 14.02 -0.88 2.83
CA PRO A 30 13.74 0.56 2.67
C PRO A 30 12.76 0.88 1.56
N ASP A 31 12.16 2.07 1.64
CA ASP A 31 11.18 2.52 0.64
C ASP A 31 11.67 2.39 -0.80
N GLU A 32 12.92 2.78 -1.03
CA GLU A 32 13.50 2.74 -2.36
C GLU A 32 13.47 1.35 -2.99
N ASP A 33 13.46 0.32 -2.15
CA ASP A 33 13.44 -1.06 -2.65
C ASP A 33 12.05 -1.61 -2.93
N ILE A 34 11.02 -0.78 -2.78
CA ILE A 34 9.64 -1.22 -3.04
C ILE A 34 9.07 -0.33 -4.14
N THR A 35 8.68 -0.94 -5.25
CA THR A 35 8.13 -0.18 -6.36
C THR A 35 6.89 -0.90 -6.91
N ALA A 36 6.18 -0.22 -7.80
CA ALA A 36 4.99 -0.81 -8.36
C ALA A 36 4.72 -0.38 -9.79
N SER A 37 3.80 -1.08 -10.43
CA SER A 37 3.40 -0.84 -11.80
C SER A 37 2.71 0.52 -11.93
N SER A 38 1.88 0.84 -10.94
CA SER A 38 1.15 2.11 -10.93
C SER A 38 0.65 2.38 -9.51
N GLN A 39 0.08 3.57 -9.31
CA GLN A 39 -0.44 3.95 -7.99
C GLN A 39 -1.63 4.90 -8.15
N TRP A 40 -2.61 4.72 -7.28
CA TRP A 40 -3.81 5.55 -7.29
C TRP A 40 -3.45 6.97 -6.88
N SER A 41 -2.54 7.07 -5.91
CA SER A 41 -2.11 8.36 -5.38
C SER A 41 -0.74 8.20 -4.73
N GLU A 42 -0.10 9.31 -4.41
CA GLU A 42 1.20 9.24 -3.76
C GLU A 42 1.01 8.54 -2.41
N SER A 43 -0.15 8.75 -1.81
CA SER A 43 -0.49 8.16 -0.51
C SER A 43 -0.72 6.65 -0.56
N THR A 44 -0.83 6.11 -1.76
CA THR A 44 -1.02 4.66 -1.91
C THR A 44 0.09 4.12 -2.81
N ALA A 45 1.24 4.77 -2.76
CA ALA A 45 2.39 4.34 -3.55
C ALA A 45 2.90 3.02 -2.98
N ALA A 46 3.75 2.36 -3.77
CA ALA A 46 4.32 1.08 -3.38
C ALA A 46 4.89 0.99 -1.97
N LYS A 47 5.57 2.03 -1.51
CA LYS A 47 6.17 2.01 -0.18
C LYS A 47 5.20 1.85 0.97
N TYR A 48 3.91 2.07 0.69
CA TYR A 48 2.90 1.92 1.75
C TYR A 48 2.32 0.51 1.78
N GLY A 49 2.79 -0.36 0.89
CA GLY A 49 2.29 -1.72 0.83
C GLY A 49 3.00 -2.67 1.80
N ARG A 50 3.17 -2.22 3.04
CA ARG A 50 3.83 -3.00 4.08
C ARG A 50 2.81 -3.63 5.02
N LEU A 51 2.97 -4.91 5.31
CA LEU A 51 2.01 -5.62 6.17
C LEU A 51 1.76 -4.87 7.49
N ASP A 52 0.48 -4.75 7.85
CA ASP A 52 0.04 -4.10 9.09
C ASP A 52 0.27 -2.60 9.21
N SER A 53 0.78 -1.98 8.15
CA SER A 53 1.04 -0.54 8.19
C SER A 53 -0.23 0.27 7.96
N GLU A 54 -0.29 1.43 8.60
CA GLU A 54 -1.42 2.35 8.45
C GLU A 54 -0.90 3.69 7.94
N GLU A 55 0.38 3.72 7.55
CA GLU A 55 1.01 4.93 7.02
C GLU A 55 0.42 5.31 5.66
N GLY A 56 0.50 6.58 5.30
CA GLY A 56 -0.06 7.00 4.02
C GLY A 56 -1.55 6.73 4.08
N ASP A 57 -2.15 6.30 2.97
CA ASP A 57 -3.57 6.00 3.00
C ASP A 57 -3.87 4.51 3.23
N GLY A 58 -2.89 3.82 3.83
CA GLY A 58 -3.11 2.43 4.20
C GLY A 58 -2.65 1.23 3.41
N ALA A 59 -2.07 1.43 2.23
CA ALA A 59 -1.61 0.31 1.42
C ALA A 59 -1.13 0.80 0.06
N TRP A 60 -0.62 -0.13 -0.74
CA TRP A 60 -0.23 0.18 -2.11
C TRP A 60 -1.49 -0.13 -2.91
N CYS A 61 -1.88 0.75 -3.82
CA CYS A 61 -3.06 0.49 -4.64
C CYS A 61 -2.81 0.92 -6.07
N PRO A 62 -3.10 0.04 -7.04
CA PRO A 62 -2.91 0.35 -8.46
C PRO A 62 -3.74 1.57 -8.85
N GLU A 63 -3.37 2.21 -9.95
CA GLU A 63 -4.06 3.40 -10.44
C GLU A 63 -5.43 3.08 -11.04
N ILE A 64 -5.59 1.86 -11.56
CA ILE A 64 -6.86 1.47 -12.16
C ILE A 64 -7.28 0.08 -11.67
N PRO A 65 -8.55 -0.29 -11.92
CA PRO A 65 -9.03 -1.60 -11.49
C PRO A 65 -8.26 -2.73 -12.15
N VAL A 66 -8.19 -3.88 -11.48
CA VAL A 66 -7.51 -5.03 -12.05
C VAL A 66 -8.56 -5.87 -12.75
N GLU A 67 -8.33 -6.14 -14.03
CA GLU A 67 -9.24 -6.95 -14.85
C GLU A 67 -8.78 -8.40 -14.83
N PRO A 68 -9.74 -9.35 -14.81
CA PRO A 68 -9.44 -10.78 -14.78
C PRO A 68 -8.61 -11.35 -15.92
N ASP A 69 -8.69 -10.72 -17.09
CA ASP A 69 -7.96 -11.21 -18.26
C ASP A 69 -6.81 -10.28 -18.66
N ASP A 70 -6.41 -9.41 -17.73
CA ASP A 70 -5.33 -8.47 -18.01
C ASP A 70 -4.57 -8.21 -16.71
N LEU A 71 -3.69 -9.14 -16.36
CA LEU A 71 -2.90 -9.03 -15.13
C LEU A 71 -1.64 -8.20 -15.37
N LYS A 72 -1.80 -6.89 -15.40
CA LYS A 72 -0.69 -5.99 -15.67
C LYS A 72 -0.16 -5.13 -14.51
N GLU A 73 -0.66 -5.37 -13.30
CA GLU A 73 -0.18 -4.60 -12.16
C GLU A 73 0.76 -5.47 -11.33
N PHE A 74 1.61 -4.83 -10.54
CA PHE A 74 2.55 -5.58 -9.70
C PHE A 74 3.14 -4.70 -8.61
N LEU A 75 3.51 -5.35 -7.51
CA LEU A 75 4.17 -4.69 -6.39
C LEU A 75 5.49 -5.46 -6.35
N GLN A 76 6.59 -4.74 -6.49
CA GLN A 76 7.91 -5.34 -6.55
C GLN A 76 8.83 -5.00 -5.39
N ILE A 77 9.48 -6.03 -4.83
CA ILE A 77 10.40 -5.86 -3.71
C ILE A 77 11.80 -6.30 -4.13
N ASP A 78 12.78 -5.45 -3.85
CA ASP A 78 14.17 -5.76 -4.16
C ASP A 78 14.89 -6.07 -2.84
N LEU A 79 15.33 -7.32 -2.68
CA LEU A 79 16.03 -7.74 -1.46
C LEU A 79 17.55 -7.58 -1.61
N HIS A 80 17.98 -7.21 -2.81
CA HIS A 80 19.39 -7.02 -3.15
C HIS A 80 20.23 -8.28 -3.18
N THR A 81 20.20 -9.06 -2.10
CA THR A 81 20.95 -10.30 -2.08
C THR A 81 19.95 -11.44 -2.21
N LEU A 82 20.41 -12.59 -2.67
CA LEU A 82 19.52 -13.73 -2.84
C LEU A 82 18.97 -14.19 -1.50
N HIS A 83 17.66 -14.46 -1.47
CA HIS A 83 16.99 -14.94 -0.26
C HIS A 83 16.16 -16.16 -0.58
N PHE A 84 15.94 -16.97 0.45
CA PHE A 84 15.11 -18.16 0.34
C PHE A 84 13.76 -17.66 0.86
N ILE A 85 12.72 -17.72 0.04
CA ILE A 85 11.40 -17.25 0.46
C ILE A 85 10.49 -18.46 0.66
N THR A 86 10.09 -18.70 1.90
CA THR A 86 9.27 -19.85 2.24
C THR A 86 7.78 -19.57 2.44
N LEU A 87 7.45 -18.33 2.77
CA LEU A 87 6.06 -17.94 2.96
C LEU A 87 5.90 -16.48 2.58
N VAL A 88 4.67 -16.11 2.25
CA VAL A 88 4.34 -14.73 1.94
C VAL A 88 3.06 -14.42 2.67
N GLY A 89 2.87 -13.15 3.01
CA GLY A 89 1.66 -12.75 3.71
C GLY A 89 1.09 -11.52 3.03
N THR A 90 -0.23 -11.46 2.92
CA THR A 90 -0.88 -10.32 2.30
C THR A 90 -2.10 -9.85 3.08
N GLN A 91 -2.45 -8.59 2.86
CA GLN A 91 -3.60 -7.93 3.47
C GLN A 91 -4.11 -6.95 2.43
N GLY A 92 -5.30 -6.41 2.67
CA GLY A 92 -5.85 -5.41 1.78
C GLY A 92 -5.61 -4.06 2.45
N ARG A 93 -6.48 -3.09 2.18
CA ARG A 93 -6.33 -1.75 2.76
C ARG A 93 -7.38 -1.52 3.85
N HIS A 94 -6.94 -1.52 5.11
CA HIS A 94 -7.84 -1.33 6.24
C HIS A 94 -8.24 0.13 6.41
N ALA A 95 -7.27 1.02 6.30
CA ALA A 95 -7.51 2.47 6.40
C ALA A 95 -8.37 2.90 7.58
N GLY A 96 -7.89 2.63 8.79
CA GLY A 96 -8.64 3.01 9.98
C GLY A 96 -10.01 2.40 10.14
N GLY A 97 -10.37 1.46 9.26
CA GLY A 97 -11.67 0.83 9.37
C GLY A 97 -12.66 1.13 8.26
N HIS A 98 -12.31 1.98 7.30
CA HIS A 98 -13.24 2.26 6.22
C HIS A 98 -12.77 1.82 4.84
N GLY A 99 -11.58 1.22 4.79
CA GLY A 99 -11.09 0.74 3.52
C GLY A 99 -11.77 -0.57 3.18
N ILE A 100 -12.00 -0.85 1.90
CA ILE A 100 -12.66 -2.09 1.50
C ILE A 100 -11.88 -2.82 0.40
N GLU A 101 -10.75 -2.25 0.02
CA GLU A 101 -9.94 -2.80 -1.06
C GLU A 101 -8.95 -3.91 -0.70
N PHE A 102 -8.91 -4.95 -1.53
CA PHE A 102 -7.99 -6.07 -1.32
C PHE A 102 -7.86 -6.90 -2.59
N ALA A 103 -6.79 -7.70 -2.67
CA ALA A 103 -6.57 -8.59 -3.82
C ALA A 103 -7.11 -9.95 -3.38
N PRO A 104 -8.12 -10.48 -4.09
CA PRO A 104 -8.70 -11.78 -3.74
C PRO A 104 -7.80 -12.96 -4.09
N MET A 105 -6.91 -12.73 -5.06
CA MET A 105 -5.97 -13.74 -5.53
C MET A 105 -4.73 -13.01 -6.02
N TYR A 106 -3.66 -13.75 -6.26
CA TYR A 106 -2.44 -13.15 -6.78
C TYR A 106 -1.47 -14.21 -7.26
N LYS A 107 -0.53 -13.79 -8.10
CA LYS A 107 0.50 -14.67 -8.62
C LYS A 107 1.81 -14.13 -8.08
N ILE A 108 2.84 -14.97 -8.09
CA ILE A 108 4.16 -14.54 -7.63
C ILE A 108 5.16 -14.74 -8.76
N ASN A 109 5.84 -13.67 -9.14
CA ASN A 109 6.88 -13.76 -10.15
C ASN A 109 8.14 -13.36 -9.38
N TYR A 110 9.27 -13.95 -9.74
CA TYR A 110 10.51 -13.61 -9.06
C TYR A 110 11.70 -13.66 -9.99
N SER A 111 12.81 -13.07 -9.56
CA SER A 111 14.00 -13.04 -10.39
C SER A 111 15.27 -12.95 -9.56
N ARG A 112 16.36 -13.50 -10.10
CA ARG A 112 17.65 -13.44 -9.42
C ARG A 112 18.44 -12.26 -9.98
N ASP A 113 18.40 -12.11 -11.30
CA ASP A 113 19.14 -11.06 -11.99
C ASP A 113 18.37 -9.77 -12.22
N GLY A 114 17.05 -9.84 -12.17
CA GLY A 114 16.24 -8.66 -12.40
C GLY A 114 15.94 -8.45 -13.87
N THR A 115 16.41 -9.36 -14.72
CA THR A 115 16.16 -9.25 -16.15
C THR A 115 15.17 -10.30 -16.64
N ARG A 116 15.33 -11.54 -16.17
CA ARG A 116 14.42 -12.61 -16.56
C ARG A 116 13.51 -12.94 -15.38
N TRP A 117 12.22 -13.08 -15.64
CA TRP A 117 11.28 -13.38 -14.58
C TRP A 117 10.75 -14.80 -14.59
N ILE A 118 10.69 -15.40 -13.40
CA ILE A 118 10.21 -16.75 -13.25
C ILE A 118 8.81 -16.73 -12.64
N SER A 119 7.92 -17.50 -13.24
CA SER A 119 6.55 -17.59 -12.74
C SER A 119 6.51 -18.75 -11.76
N TRP A 120 6.16 -18.45 -10.51
CA TRP A 120 6.10 -19.49 -9.49
C TRP A 120 4.90 -20.39 -9.73
N ARG A 121 5.14 -21.71 -9.69
CA ARG A 121 4.10 -22.70 -9.88
C ARG A 121 4.20 -23.63 -8.68
N ASN A 122 3.08 -23.98 -8.06
CA ASN A 122 3.12 -24.89 -6.93
C ASN A 122 3.41 -26.29 -7.46
N ARG A 123 3.37 -27.28 -6.59
CA ARG A 123 3.66 -28.66 -6.99
C ARG A 123 2.72 -29.20 -8.08
N HIS A 124 1.53 -28.61 -8.19
CA HIS A 124 0.56 -29.06 -9.18
C HIS A 124 0.55 -28.21 -10.45
N GLY A 125 1.41 -27.20 -10.48
CA GLY A 125 1.48 -26.34 -11.66
C GLY A 125 0.56 -25.15 -11.61
N LYS A 126 -0.06 -24.91 -10.46
CA LYS A 126 -0.97 -23.78 -10.30
C LYS A 126 -0.19 -22.53 -9.91
N GLN A 127 -0.40 -21.44 -10.65
CA GLN A 127 0.30 -20.19 -10.38
C GLN A 127 -0.50 -19.22 -9.52
N VAL A 128 -1.83 -19.32 -9.60
CA VAL A 128 -2.68 -18.42 -8.83
C VAL A 128 -2.87 -18.88 -7.39
N LEU A 129 -2.59 -17.97 -6.46
CA LEU A 129 -2.74 -18.26 -5.05
C LEU A 129 -4.01 -17.59 -4.55
N ASP A 130 -4.76 -18.29 -3.70
CA ASP A 130 -5.96 -17.70 -3.14
C ASP A 130 -5.46 -16.65 -2.16
N GLY A 131 -6.09 -15.48 -2.17
CA GLY A 131 -5.64 -14.42 -1.28
C GLY A 131 -6.63 -14.01 -0.20
N ASN A 132 -6.68 -12.71 0.04
CA ASN A 132 -7.56 -12.16 1.06
C ASN A 132 -9.04 -12.19 0.71
N SER A 133 -9.88 -12.20 1.75
CA SER A 133 -11.33 -12.21 1.59
C SER A 133 -11.90 -10.97 2.27
N ASN A 134 -11.01 -10.16 2.84
CA ASN A 134 -11.36 -8.91 3.48
C ASN A 134 -10.10 -8.04 3.49
N PRO A 135 -10.23 -6.74 3.78
CA PRO A 135 -9.09 -5.82 3.80
C PRO A 135 -8.22 -5.75 5.04
N TYR A 136 -8.64 -6.40 6.13
CA TYR A 136 -7.88 -6.32 7.37
C TYR A 136 -7.05 -7.50 7.84
N ASP A 137 -7.51 -8.72 7.58
CA ASP A 137 -6.79 -9.90 8.05
C ASP A 137 -5.51 -10.22 7.28
N ILE A 138 -4.51 -10.68 8.03
CA ILE A 138 -3.26 -11.10 7.43
C ILE A 138 -3.52 -12.53 6.96
N PHE A 139 -3.24 -12.82 5.70
CA PHE A 139 -3.43 -14.17 5.18
C PHE A 139 -2.08 -14.69 4.73
N LEU A 140 -1.66 -15.82 5.29
CA LEU A 140 -0.37 -16.42 4.98
C LEU A 140 -0.46 -17.59 4.00
N LYS A 141 0.57 -17.72 3.17
CA LYS A 141 0.64 -18.80 2.18
C LYS A 141 2.04 -19.41 2.15
N ASP A 142 2.11 -20.72 2.32
CA ASP A 142 3.38 -21.43 2.26
C ASP A 142 3.75 -21.53 0.80
N LEU A 143 5.04 -21.44 0.51
CA LEU A 143 5.49 -21.58 -0.86
C LEU A 143 6.18 -22.91 -1.02
N GLU A 144 5.53 -23.82 -1.72
CA GLU A 144 6.08 -25.14 -1.98
C GLU A 144 6.01 -25.37 -3.48
N PRO A 145 7.17 -25.41 -4.15
CA PRO A 145 8.52 -25.27 -3.57
C PRO A 145 8.88 -23.84 -3.18
N PRO A 146 9.81 -23.67 -2.22
CA PRO A 146 10.21 -22.33 -1.81
C PRO A 146 11.02 -21.73 -2.95
N ILE A 147 11.18 -20.42 -2.95
CA ILE A 147 11.93 -19.79 -4.03
C ILE A 147 13.21 -19.12 -3.56
N VAL A 148 14.14 -18.95 -4.50
CA VAL A 148 15.39 -18.28 -4.25
C VAL A 148 15.35 -17.09 -5.19
N ALA A 149 15.39 -15.89 -4.64
CA ALA A 149 15.31 -14.70 -5.48
C ALA A 149 15.84 -13.45 -4.83
N ARG A 150 16.05 -12.43 -5.66
CA ARG A 150 16.48 -11.12 -5.21
C ARG A 150 15.25 -10.24 -5.32
N PHE A 151 14.55 -10.36 -6.45
CA PHE A 151 13.33 -9.58 -6.68
C PHE A 151 12.08 -10.47 -6.59
N VAL A 152 11.05 -9.96 -5.93
CA VAL A 152 9.79 -10.69 -5.83
C VAL A 152 8.65 -9.74 -6.20
N ARG A 153 7.77 -10.22 -7.06
CA ARG A 153 6.62 -9.43 -7.49
C ARG A 153 5.30 -10.11 -7.12
N PHE A 154 4.40 -9.32 -6.54
CA PHE A 154 3.06 -9.79 -6.23
C PHE A 154 2.22 -9.24 -7.38
N ILE A 155 1.50 -10.13 -8.07
CA ILE A 155 0.67 -9.72 -9.19
C ILE A 155 -0.78 -9.98 -8.82
N PRO A 156 -1.53 -8.92 -8.50
CA PRO A 156 -2.94 -9.12 -8.13
C PRO A 156 -3.75 -9.77 -9.25
N VAL A 157 -4.63 -10.70 -8.86
CA VAL A 157 -5.49 -11.38 -9.81
C VAL A 157 -6.92 -11.29 -9.31
N THR A 158 -7.84 -10.99 -10.21
CA THR A 158 -9.26 -10.86 -9.87
C THR A 158 -10.11 -11.72 -10.80
N ASP A 159 -11.39 -11.92 -10.45
CA ASP A 159 -12.28 -12.68 -11.32
C ASP A 159 -13.27 -11.70 -11.96
N HIS A 160 -13.23 -10.47 -11.50
CA HIS A 160 -14.07 -9.39 -12.02
C HIS A 160 -13.35 -8.07 -11.78
N SER A 161 -13.68 -7.06 -12.56
CA SER A 161 -13.04 -5.76 -12.42
C SER A 161 -13.19 -5.23 -10.99
N MET A 162 -12.07 -4.94 -10.34
CA MET A 162 -12.13 -4.39 -8.98
C MET A 162 -10.87 -3.61 -8.62
N ASN A 163 -11.03 -2.62 -7.74
CA ASN A 163 -9.92 -1.79 -7.31
C ASN A 163 -9.23 -2.47 -6.13
N VAL A 164 -8.09 -3.10 -6.41
CA VAL A 164 -7.35 -3.80 -5.37
C VAL A 164 -6.33 -2.91 -4.68
N CYS A 165 -5.88 -3.36 -3.51
CA CYS A 165 -4.85 -2.69 -2.74
C CYS A 165 -4.17 -3.83 -2.01
N MET A 166 -2.88 -3.70 -1.72
CA MET A 166 -2.18 -4.76 -1.00
C MET A 166 -1.13 -4.23 -0.05
N ARG A 167 -0.92 -4.99 1.03
CA ARG A 167 0.11 -4.73 2.03
C ARG A 167 0.68 -6.14 2.13
N VAL A 168 1.99 -6.28 2.07
CA VAL A 168 2.59 -7.60 2.09
C VAL A 168 3.84 -7.74 2.94
N GLU A 169 4.27 -8.99 3.09
CA GLU A 169 5.49 -9.31 3.83
C GLU A 169 6.04 -10.59 3.21
N LEU A 170 7.37 -10.72 3.24
CA LEU A 170 8.03 -11.93 2.73
C LEU A 170 8.67 -12.59 3.94
N TYR A 171 8.67 -13.91 3.96
CA TYR A 171 9.27 -14.66 5.06
C TYR A 171 10.27 -15.65 4.53
N GLY A 172 11.41 -15.73 5.20
CA GLY A 172 12.43 -16.66 4.76
C GLY A 172 13.76 -16.37 5.43
N CYS A 173 14.84 -16.43 4.66
CA CYS A 173 16.16 -16.20 5.20
C CYS A 173 17.16 -15.94 4.07
N VAL A 174 18.33 -15.43 4.42
CA VAL A 174 19.35 -15.15 3.42
C VAL A 174 19.85 -16.46 2.82
N TRP A 175 20.17 -16.42 1.53
CA TRP A 175 20.66 -17.59 0.82
C TRP A 175 22.19 -17.64 0.94
N LEU A 176 22.71 -18.74 1.48
CA LEU A 176 24.14 -18.92 1.68
C LEU A 176 24.71 -18.00 2.75
N ASP A 177 25.94 -18.04 2.97
N GLY B 2 16.82 45.65 25.03
CA GLY B 2 16.01 45.98 23.82
C GLY B 2 14.66 45.30 23.82
N PRO B 3 13.72 45.77 22.97
CA PRO B 3 12.39 45.19 22.89
C PRO B 3 12.38 43.77 22.35
N HYP B 4 11.41 42.95 22.78
CA HYP B 4 11.34 41.58 22.29
C HYP B 4 11.10 41.64 20.78
O HYP B 4 10.57 42.62 20.27
CB HYP B 4 10.12 41.01 23.01
CG HYP B 4 10.12 41.77 24.34
CD HYP B 4 10.43 43.19 23.87
OD1 HYP B 4 11.17 41.29 25.17
N GLY B 5 11.52 40.60 20.06
CA GLY B 5 11.29 40.58 18.64
C GLY B 5 9.82 40.31 18.39
N PRO B 6 9.34 40.44 17.15
CA PRO B 6 7.90 40.16 16.96
C PRO B 6 7.65 38.66 17.02
N HYP B 7 6.38 38.25 17.13
CA HYP B 7 6.08 36.81 17.17
C HYP B 7 6.65 36.18 15.91
O HYP B 7 6.78 36.84 14.88
CB HYP B 7 4.55 36.76 17.18
CG HYP B 7 4.16 38.07 17.86
CD HYP B 7 5.14 39.05 17.23
OD1 HYP B 7 4.38 37.97 19.25
N GLY B 8 6.97 34.89 15.97
CA GLY B 8 7.51 34.24 14.80
C GLY B 8 6.46 34.12 13.70
N PRO B 9 6.87 33.73 12.49
CA PRO B 9 5.95 33.60 11.37
C PRO B 9 5.09 32.35 11.52
N HYP B 10 4.00 32.25 10.72
CA HYP B 10 3.12 31.08 10.78
C HYP B 10 3.92 29.81 10.49
O HYP B 10 4.89 29.85 9.75
CB HYP B 10 2.10 31.36 9.70
CG HYP B 10 2.00 32.88 9.70
CD HYP B 10 3.46 33.28 9.83
OD1 HYP B 10 1.27 33.31 10.85
N GLY B 11 3.52 28.69 11.09
CA GLY B 11 4.22 27.45 10.85
C GLY B 11 3.95 26.88 9.47
N PRO B 12 4.55 25.73 9.14
CA PRO B 12 4.37 25.09 7.84
C PRO B 12 2.92 24.67 7.66
N ARG B 13 2.50 24.42 6.42
CA ARG B 13 1.14 23.97 6.18
C ARG B 13 1.03 22.53 6.68
N GLY B 14 -0.16 22.17 7.16
CA GLY B 14 -0.37 20.82 7.66
C GLY B 14 -0.23 19.77 6.58
N GLN B 15 -0.20 18.50 6.98
CA GLN B 15 -0.07 17.40 6.03
C GLN B 15 -1.38 17.19 5.28
N HYP B 16 -1.31 16.54 4.11
CA HYP B 16 -2.51 16.29 3.30
C HYP B 16 -3.54 15.50 4.10
O HYP B 16 -3.18 14.73 5.00
CB HYP B 16 -1.97 15.48 2.12
CG HYP B 16 -0.53 15.97 1.97
CD HYP B 16 -0.10 16.06 3.42
OD1 HYP B 16 -0.52 17.27 1.37
N GLY B 17 -4.82 15.68 3.78
CA GLY B 17 -5.85 14.95 4.49
C GLY B 17 -5.86 13.51 4.02
N VAL B 18 -6.62 12.65 4.69
CA VAL B 18 -6.71 11.25 4.30
C VAL B 18 -7.66 11.06 3.13
N NLE B 19 -7.54 9.91 2.46
CA NLE B 19 -8.38 9.58 1.32
C NLE B 19 -9.86 9.57 1.67
O NLE B 19 -10.23 9.24 2.80
CB NLE B 19 -7.98 8.22 0.75
CG NLE B 19 -8.81 7.77 -0.45
CD NLE B 19 -8.27 6.46 -1.04
CE NLE B 19 -6.80 6.57 -1.36
N GLY B 20 -10.70 9.92 0.71
CA GLY B 20 -12.13 9.91 0.96
C GLY B 20 -12.58 8.48 1.11
N PHE B 21 -13.77 8.27 1.64
CA PHE B 21 -14.30 6.92 1.82
C PHE B 21 -14.60 6.27 0.47
N HYP B 22 -14.56 4.94 0.40
CA HYP B 22 -14.85 4.25 -0.87
C HYP B 22 -16.27 4.64 -1.29
O HYP B 22 -17.12 4.87 -0.44
CB HYP B 22 -14.76 2.77 -0.51
CG HYP B 22 -13.78 2.74 0.65
CD HYP B 22 -14.18 3.97 1.45
OD1 HYP B 22 -12.45 2.90 0.15
N GLY B 23 -16.52 4.69 -2.60
CA GLY B 23 -17.84 5.05 -3.06
C GLY B 23 -18.89 4.00 -2.75
N PRO B 24 -20.18 4.32 -2.96
CA PRO B 24 -21.22 3.34 -2.67
C PRO B 24 -21.27 2.24 -3.73
N HYP B 25 -21.92 1.11 -3.41
CA HYP B 25 -22.04 0.01 -4.37
C HYP B 25 -22.68 0.50 -5.67
O HYP B 25 -23.50 1.42 -5.65
CB HYP B 25 -22.94 -0.98 -3.65
CG HYP B 25 -22.61 -0.77 -2.18
CD HYP B 25 -22.50 0.75 -2.10
OD1 HYP B 25 -21.37 -1.37 -1.87
N GLY B 26 -22.30 -0.12 -6.79
CA GLY B 26 -22.89 0.26 -8.06
C GLY B 26 -24.35 -0.14 -8.12
N PRO B 27 -25.07 0.24 -9.18
CA PRO B 27 -26.48 -0.10 -9.33
C PRO B 27 -26.66 -1.56 -9.77
N HYP B 28 -27.87 -2.11 -9.63
CA HYP B 28 -28.12 -3.50 -10.03
C HYP B 28 -27.80 -3.75 -11.50
O HYP B 28 -27.94 -2.88 -12.35
CB HYP B 28 -29.62 -3.68 -9.75
CG HYP B 28 -29.88 -2.71 -8.60
CD HYP B 28 -29.07 -1.49 -9.03
OD1 HYP B 28 -29.36 -3.24 -7.40
N GLY B 29 -27.37 -4.98 -11.80
CA GLY B 29 -27.07 -5.35 -13.17
C GLY B 29 -28.35 -5.55 -13.96
C ACE C 1 18.23 43.66 21.04
O ACE C 1 17.54 44.65 21.29
CH3 ACE C 1 19.46 43.79 20.17
N GLY C 2 17.96 42.45 21.50
CA GLY C 2 16.80 42.21 22.34
C GLY C 2 16.44 40.74 22.34
N PRO C 3 15.58 40.29 23.26
CA PRO C 3 15.21 38.87 23.30
C PRO C 3 14.33 38.46 22.12
N HYP C 4 14.43 37.18 21.71
CA HYP C 4 13.62 36.67 20.60
C HYP C 4 12.14 36.81 20.92
O HYP C 4 11.76 36.83 22.09
CB HYP C 4 14.03 35.20 20.50
CG HYP C 4 15.44 35.17 21.10
CD HYP C 4 15.30 36.14 22.27
OD1 HYP C 4 16.38 35.66 20.17
N GLY C 5 11.31 36.91 19.89
CA GLY C 5 9.89 37.02 20.11
C GLY C 5 9.33 35.66 20.44
N PRO C 6 8.03 35.56 20.74
CA PRO C 6 7.43 34.26 21.06
C PRO C 6 7.21 33.42 19.81
N HYP C 7 6.99 32.10 19.98
CA HYP C 7 6.77 31.23 18.82
C HYP C 7 5.61 31.76 17.96
O HYP C 7 4.70 32.39 18.49
CB HYP C 7 6.43 29.88 19.45
CG HYP C 7 7.20 29.91 20.77
CD HYP C 7 6.97 31.34 21.23
OD1 HYP C 7 8.59 29.69 20.54
N GLY C 8 5.67 31.50 16.66
CA GLY C 8 4.61 31.95 15.78
C GLY C 8 3.40 31.05 15.98
N PRO C 9 2.26 31.39 15.37
CA PRO C 9 1.04 30.57 15.50
C PRO C 9 1.07 29.36 14.57
N HYP C 10 0.19 28.38 14.82
CA HYP C 10 0.16 27.18 13.96
C HYP C 10 -0.01 27.59 12.50
O HYP C 10 -0.64 28.61 12.21
CB HYP C 10 -1.05 26.42 14.49
CG HYP C 10 -1.07 26.77 15.97
CD HYP C 10 -0.77 28.26 15.93
OD1 HYP C 10 -0.01 26.08 16.64
N GLY C 11 0.54 26.80 11.59
CA GLY C 11 0.42 27.09 10.18
C GLY C 11 -0.98 26.80 9.67
N PRO C 12 -1.20 26.94 8.36
CA PRO C 12 -2.51 26.70 7.75
C PRO C 12 -2.80 25.20 7.64
N ARG C 13 -4.08 24.85 7.52
CA ARG C 13 -4.46 23.45 7.40
C ARG C 13 -3.97 22.89 6.08
N GLY C 14 -3.61 21.61 6.08
CA GLY C 14 -3.11 20.98 4.87
C GLY C 14 -4.18 20.83 3.80
N GLN C 15 -3.75 20.44 2.61
CA GLN C 15 -4.67 20.25 1.49
C GLN C 15 -5.58 19.06 1.76
N HYP C 16 -6.75 19.02 1.13
CA HYP C 16 -7.70 17.91 1.31
C HYP C 16 -7.09 16.59 0.87
O HYP C 16 -6.14 16.58 0.06
CB HYP C 16 -8.87 18.30 0.42
CG HYP C 16 -8.87 19.82 0.46
CD HYP C 16 -7.38 20.13 0.38
OD1 HYP C 16 -9.41 20.26 1.70
N GLY C 17 -7.62 15.48 1.37
CA GLY C 17 -7.11 14.18 0.97
C GLY C 17 -7.60 13.89 -0.44
N VAL C 18 -7.04 12.87 -1.09
CA VAL C 18 -7.46 12.54 -2.44
C VAL C 18 -8.84 11.91 -2.45
N NLE C 19 -9.47 11.86 -3.61
CA NLE C 19 -10.79 11.29 -3.75
C NLE C 19 -10.73 9.79 -3.49
O NLE C 19 -9.73 9.14 -3.78
CB NLE C 19 -11.35 11.55 -5.15
CG NLE C 19 -12.71 10.94 -5.42
CD NLE C 19 -13.25 11.34 -6.78
CE NLE C 19 -14.59 10.68 -7.09
N GLY C 20 -11.81 9.26 -2.94
CA GLY C 20 -11.87 7.83 -2.65
C GLY C 20 -12.03 6.94 -3.85
N PHE C 21 -11.81 5.64 -3.65
CA PHE C 21 -11.93 4.66 -4.72
C PHE C 21 -13.39 4.47 -5.10
N HYP C 22 -13.62 4.03 -6.35
CA HYP C 22 -15.01 3.81 -6.76
C HYP C 22 -15.55 2.70 -5.87
O HYP C 22 -14.77 1.89 -5.35
CB HYP C 22 -14.87 3.32 -8.20
CG HYP C 22 -13.62 4.04 -8.70
CD HYP C 22 -12.70 3.95 -7.49
OD1 HYP C 22 -13.94 5.40 -9.00
N GLY C 23 -16.85 2.68 -5.67
CA GLY C 23 -17.44 1.65 -4.83
C GLY C 23 -17.41 0.27 -5.47
N PRO C 24 -17.84 -0.76 -4.74
CA PRO C 24 -17.84 -2.12 -5.28
C PRO C 24 -18.90 -2.30 -6.37
N HYP C 25 -18.77 -3.35 -7.18
CA HYP C 25 -19.72 -3.63 -8.26
C HYP C 25 -21.14 -3.75 -7.74
O HYP C 25 -21.36 -4.23 -6.62
CB HYP C 25 -19.23 -4.95 -8.84
CG HYP C 25 -17.73 -4.89 -8.59
CD HYP C 25 -17.69 -4.36 -7.16
OD1 HYP C 25 -17.14 -3.94 -9.46
N GLY C 26 -22.10 -3.31 -8.54
CA GLY C 26 -23.49 -3.40 -8.15
C GLY C 26 -23.88 -4.86 -8.08
N PRO C 27 -24.99 -5.19 -7.41
CA PRO C 27 -25.40 -6.60 -7.31
C PRO C 27 -26.15 -7.06 -8.55
N HYP C 28 -26.44 -8.37 -8.63
CA HYP C 28 -27.17 -8.89 -9.79
C HYP C 28 -28.53 -8.20 -9.82
O HYP C 28 -29.09 -7.86 -8.78
CB HYP C 28 -27.28 -10.38 -9.50
CG HYP C 28 -26.02 -10.67 -8.70
CD HYP C 28 -25.96 -9.47 -7.77
OD1 HYP C 28 -24.90 -10.68 -9.58
N GLY C 29 -29.05 -7.98 -11.03
CA GLY C 29 -30.33 -7.33 -11.18
C GLY C 29 -31.30 -8.21 -11.95
C ACE D 1 15.58 43.57 18.47
O ACE D 1 16.56 43.27 17.78
CH3 ACE D 1 15.14 45.01 18.61
N GLY D 2 14.87 42.66 19.14
CA GLY D 2 15.25 41.25 19.08
C GLY D 2 14.80 40.59 17.80
N PRO D 3 15.29 39.37 17.52
CA PRO D 3 14.89 38.67 16.31
C PRO D 3 13.49 38.08 16.46
N HYP D 4 12.83 37.78 15.32
CA HYP D 4 11.49 37.20 15.38
C HYP D 4 11.55 35.87 16.14
O HYP D 4 12.61 35.22 16.20
CB HYP D 4 11.15 36.94 13.92
CG HYP D 4 11.90 38.03 13.18
CD HYP D 4 13.22 38.08 13.94
OD1 HYP D 4 11.20 39.26 13.30
N GLY D 5 10.43 35.47 16.73
CA GLY D 5 10.38 34.20 17.42
C GLY D 5 10.46 33.09 16.40
N PRO D 6 10.59 31.83 16.83
CA PRO D 6 10.68 30.74 15.87
C PRO D 6 9.36 30.54 15.13
N HYP D 7 9.41 29.88 13.96
CA HYP D 7 8.19 29.65 13.18
C HYP D 7 7.20 28.87 14.04
O HYP D 7 7.60 28.09 14.91
CB HYP D 7 8.67 28.84 11.99
CG HYP D 7 10.12 29.30 11.81
CD HYP D 7 10.59 29.37 13.25
OD1 HYP D 7 10.16 30.60 11.22
N GLY D 8 5.91 29.07 13.80
CA GLY D 8 4.90 28.37 14.56
C GLY D 8 4.87 26.89 14.22
N PRO D 9 4.11 26.09 14.97
CA PRO D 9 4.01 24.66 14.72
C PRO D 9 3.28 24.39 13.41
N HYP D 10 3.46 23.19 12.84
CA HYP D 10 2.79 22.84 11.58
C HYP D 10 1.28 22.95 11.75
O HYP D 10 0.76 22.79 12.86
CB HYP D 10 3.23 21.40 11.33
CG HYP D 10 4.61 21.33 11.98
CD HYP D 10 4.39 22.11 13.26
OD1 HYP D 10 5.55 21.99 11.15
N GLY D 11 0.57 23.25 10.67
CA GLY D 11 -0.87 23.39 10.74
C GLY D 11 -1.57 22.04 10.84
N PRO D 12 -2.87 22.03 11.16
CA PRO D 12 -3.66 20.80 11.28
C PRO D 12 -3.70 20.07 9.93
N ARG D 13 -3.87 18.75 9.97
CA ARG D 13 -3.91 17.98 8.73
C ARG D 13 -5.18 18.30 7.94
N GLY D 14 -5.08 18.23 6.62
CA GLY D 14 -6.22 18.53 5.76
C GLY D 14 -7.48 17.74 6.07
N GLN D 15 -8.60 18.20 5.55
CA GLN D 15 -9.87 17.53 5.75
C GLN D 15 -9.93 16.26 4.90
N HYP D 16 -10.78 15.30 5.27
CA HYP D 16 -10.91 14.05 4.52
C HYP D 16 -11.26 14.31 3.05
O HYP D 16 -11.98 15.26 2.74
CB HYP D 16 -12.03 13.31 5.25
CG HYP D 16 -11.90 13.81 6.68
CD HYP D 16 -11.66 15.30 6.46
OD1 HYP D 16 -10.77 13.23 7.31
N GLY D 17 -10.75 13.46 2.17
CA GLY D 17 -11.05 13.62 0.75
C GLY D 17 -12.52 13.34 0.46
N VAL D 18 -12.94 13.62 -0.76
CA VAL D 18 -14.32 13.40 -1.17
C VAL D 18 -14.61 11.92 -1.35
N NLE D 19 -15.84 11.51 -1.08
CA NLE D 19 -16.25 10.12 -1.21
C NLE D 19 -16.07 9.68 -2.66
O NLE D 19 -16.22 10.47 -3.60
CB NLE D 19 -17.70 9.94 -0.79
CG NLE D 19 -18.20 8.50 -0.93
CD NLE D 19 -19.64 8.36 -0.45
CE NLE D 19 -19.77 8.62 1.04
N GLY D 20 -15.73 8.41 -2.85
CA GLY D 20 -15.53 7.88 -4.18
C GLY D 20 -16.82 7.80 -4.96
N PHE D 21 -16.70 7.60 -6.27
CA PHE D 21 -17.85 7.50 -7.14
C PHE D 21 -18.52 6.15 -6.97
N HYP D 22 -19.78 6.02 -7.39
CA HYP D 22 -20.51 4.75 -7.26
C HYP D 22 -19.79 3.67 -8.06
O HYP D 22 -19.14 3.96 -9.07
CB HYP D 22 -21.89 5.06 -7.86
CG HYP D 22 -22.05 6.57 -7.63
CD HYP D 22 -20.66 7.09 -7.93
OD1 HYP D 22 -22.38 6.82 -6.27
N GLY D 23 -19.90 2.42 -7.62
CA GLY D 23 -19.24 1.35 -8.32
C GLY D 23 -19.88 1.08 -9.67
N PRO D 24 -19.29 0.22 -10.51
CA PRO D 24 -19.83 -0.11 -11.83
C PRO D 24 -21.13 -0.91 -11.65
N HYP D 25 -21.92 -1.02 -12.73
CA HYP D 25 -23.19 -1.77 -12.65
C HYP D 25 -22.93 -3.24 -12.38
O HYP D 25 -21.85 -3.76 -12.66
CB HYP D 25 -23.80 -1.56 -14.03
CG HYP D 25 -23.25 -0.21 -14.47
CD HYP D 25 -21.81 -0.29 -14.01
OD1 HYP D 25 -23.93 0.84 -13.78
N GLY D 26 -23.94 -3.92 -11.82
CA GLY D 26 -23.79 -5.34 -11.55
C GLY D 26 -23.72 -6.10 -12.86
N PRO D 27 -23.45 -7.40 -12.84
CA PRO D 27 -23.36 -8.20 -14.07
C PRO D 27 -24.57 -8.07 -14.98
N HYP D 28 -24.36 -8.18 -16.30
CA HYP D 28 -25.42 -8.08 -17.31
C HYP D 28 -26.53 -9.10 -17.06
O HYP D 28 -26.28 -10.19 -16.53
CB HYP D 28 -24.70 -8.33 -18.62
CG HYP D 28 -23.29 -7.82 -18.35
CD HYP D 28 -23.04 -8.36 -16.95
OD1 HYP D 28 -23.29 -6.39 -18.32
#